data_1NUS
#
_entry.id   1NUS
#
_cell.length_a   79.036
_cell.length_b   79.036
_cell.length_c   145.987
_cell.angle_alpha   90.00
_cell.angle_beta   90.00
_cell.angle_gamma   90.00
#
_symmetry.space_group_name_H-M   'P 43 21 2'
#
loop_
_entity.id
_entity.type
_entity.pdbx_description
1 polymer FKSG76
2 non-polymer 'SULFATE ION'
3 non-polymer 'BETA-NICOTINAMIDE RIBOSE MONOPHOSPHATE'
4 non-polymer 'DIPHOSPHOMETHYLPHOSPHONIC ACID ADENOSYL ESTER'
5 water water
#
_entity_poly.entity_id   1
_entity_poly.type   'polypeptide(L)'
_entity_poly.pdbx_seq_one_letter_code
;MKSRIPVVLLACGSFNPITNMHLRMFEVARDHLHQTGMYQVIQGIISPVNDTYGKKDLAASHHRVAMARLALQTSDWIRV
DPWESEQAQWMETVKVLRHHHSKLLRSPPQMEGPDHGKALFSTPAAVPELKLLCGADVLKTFQTPNLWKDAHIQEIVEKF
GLVCVGRVSHDPKGYIAESPILRMHQHNIHLAKEPVQNEISATYIRRALGQGQSVKYLIPDAVITYIKDHGLYTKGSTWK
GKSTQSTEGKTS
;
_entity_poly.pdbx_strand_id   A,B
#
loop_
_chem_comp.id
_chem_comp.type
_chem_comp.name
_chem_comp.formula
APC non-polymer 'DIPHOSPHOMETHYLPHOSPHONIC ACID ADENOSYL ESTER' 'C11 H18 N5 O12 P3'
NMN non-polymer 'BETA-NICOTINAMIDE RIBOSE MONOPHOSPHATE' 'C11 H16 N2 O8 P 1'
SO4 non-polymer 'SULFATE ION' 'O4 S -2'
#
# COMPACT_ATOMS: atom_id res chain seq x y z
N SER A 3 14.83 -19.34 30.02
CA SER A 3 14.08 -20.01 28.91
C SER A 3 13.44 -18.99 27.96
N ARG A 4 13.20 -19.44 26.72
CA ARG A 4 12.61 -18.59 25.68
C ARG A 4 11.12 -18.41 25.89
N ILE A 5 10.65 -17.19 25.64
CA ILE A 5 9.24 -16.88 25.76
C ILE A 5 8.48 -17.60 24.60
N PRO A 6 7.40 -18.32 24.93
CA PRO A 6 6.66 -19.03 23.87
C PRO A 6 5.88 -18.00 23.06
N VAL A 7 5.67 -18.28 21.78
CA VAL A 7 4.96 -17.33 20.93
C VAL A 7 4.02 -17.93 19.88
N VAL A 8 2.87 -17.29 19.72
CA VAL A 8 1.88 -17.68 18.75
C VAL A 8 1.79 -16.50 17.76
N LEU A 9 1.91 -16.79 16.48
CA LEU A 9 1.80 -15.78 15.44
C LEU A 9 0.39 -15.78 14.84
N LEU A 10 -0.25 -14.63 14.78
CA LEU A 10 -1.59 -14.56 14.22
C LEU A 10 -1.60 -13.69 12.97
N ALA A 11 -2.01 -14.26 11.85
CA ALA A 11 -2.06 -13.48 10.60
C ALA A 11 -3.49 -13.25 10.17
N CYS A 12 -3.88 -11.98 10.12
CA CYS A 12 -5.22 -11.58 9.70
C CYS A 12 -5.17 -11.08 8.26
N GLY A 13 -6.24 -11.32 7.51
CA GLY A 13 -6.24 -10.87 6.14
C GLY A 13 -7.22 -11.61 5.24
N SER A 14 -7.18 -11.25 3.97
CA SER A 14 -8.05 -11.85 2.98
C SER A 14 -7.79 -13.33 2.68
N PHE A 15 -6.53 -13.66 2.34
CA PHE A 15 -6.15 -15.03 1.94
C PHE A 15 -7.17 -15.42 0.89
N ASN A 16 -7.17 -14.63 -0.17
CA ASN A 16 -8.12 -14.73 -1.25
C ASN A 16 -7.52 -14.93 -2.62
N PRO A 17 -6.82 -16.07 -2.84
CA PRO A 17 -6.55 -17.20 -1.94
C PRO A 17 -5.21 -17.05 -1.24
N ILE A 18 -4.94 -17.96 -0.32
CA ILE A 18 -3.67 -17.99 0.39
C ILE A 18 -2.59 -18.31 -0.68
N THR A 19 -1.42 -17.67 -0.61
CA THR A 19 -0.37 -17.86 -1.60
C THR A 19 0.91 -18.36 -0.93
N ASN A 20 1.91 -18.70 -1.76
CA ASN A 20 3.19 -19.15 -1.22
C ASN A 20 3.83 -18.03 -0.44
N MET A 21 3.58 -16.79 -0.84
CA MET A 21 4.17 -15.68 -0.11
C MET A 21 3.53 -15.47 1.27
N HIS A 22 2.21 -15.66 1.37
CA HIS A 22 1.54 -15.55 2.66
C HIS A 22 2.15 -16.56 3.61
N LEU A 23 2.39 -17.77 3.10
CA LEU A 23 2.94 -18.85 3.90
C LEU A 23 4.43 -18.58 4.23
N ARG A 24 5.15 -18.11 3.25
CA ARG A 24 6.56 -17.77 3.42
C ARG A 24 6.68 -16.78 4.60
N MET A 25 5.74 -15.85 4.68
CA MET A 25 5.72 -14.83 5.74
C MET A 25 5.87 -15.47 7.13
N PHE A 26 5.11 -16.54 7.39
CA PHE A 26 5.19 -17.23 8.66
C PHE A 26 6.58 -17.82 8.96
N GLU A 27 7.19 -18.46 7.95
CA GLU A 27 8.50 -19.08 8.12
C GLU A 27 9.59 -18.05 8.40
N VAL A 28 9.57 -16.94 7.65
CA VAL A 28 10.57 -15.89 7.86
C VAL A 28 10.42 -15.31 9.27
N ALA A 29 9.18 -15.07 9.70
CA ALA A 29 8.93 -14.52 11.04
C ALA A 29 9.41 -15.46 12.15
N ARG A 30 9.10 -16.76 12.01
CA ARG A 30 9.52 -17.71 13.02
C ARG A 30 11.05 -17.77 13.15
N ASP A 31 11.75 -17.89 12.02
CA ASP A 31 13.21 -17.93 12.06
C ASP A 31 13.77 -16.62 12.67
N HIS A 32 13.18 -15.48 12.31
CA HIS A 32 13.65 -14.20 12.86
C HIS A 32 13.48 -14.20 14.38
N LEU A 33 12.30 -14.56 14.86
CA LEU A 33 12.06 -14.60 16.30
C LEU A 33 13.00 -15.58 17.02
N HIS A 34 13.31 -16.73 16.40
CA HIS A 34 14.21 -17.70 17.01
C HIS A 34 15.65 -17.23 17.00
N GLN A 35 16.03 -16.51 15.95
CA GLN A 35 17.38 -15.99 15.85
C GLN A 35 17.67 -14.99 16.96
N THR A 36 16.62 -14.39 17.53
CA THR A 36 16.84 -13.40 18.60
C THR A 36 17.32 -14.14 19.85
N GLY A 37 17.02 -15.43 19.92
CA GLY A 37 17.42 -16.22 21.06
C GLY A 37 16.51 -16.10 22.28
N MET A 38 15.49 -15.25 22.19
CA MET A 38 14.61 -15.13 23.34
C MET A 38 13.17 -15.57 23.12
N TYR A 39 12.88 -16.09 21.93
CA TYR A 39 11.53 -16.56 21.60
C TYR A 39 11.51 -17.96 21.01
N GLN A 40 10.40 -18.63 21.23
CA GLN A 40 10.16 -19.97 20.68
C GLN A 40 8.75 -19.90 20.09
N VAL A 41 8.66 -19.92 18.76
CA VAL A 41 7.35 -19.86 18.13
C VAL A 41 6.76 -21.27 18.21
N ILE A 42 5.59 -21.37 18.85
CA ILE A 42 4.95 -22.66 19.02
C ILE A 42 3.74 -22.87 18.11
N GLN A 43 3.28 -21.81 17.46
CA GLN A 43 2.15 -21.94 16.58
C GLN A 43 1.83 -20.72 15.73
N GLY A 44 1.22 -21.00 14.58
CA GLY A 44 0.83 -19.95 13.68
C GLY A 44 -0.64 -20.08 13.35
N ILE A 45 -1.31 -18.95 13.23
CA ILE A 45 -2.73 -18.94 12.94
C ILE A 45 -3.05 -18.06 11.76
N ILE A 46 -3.73 -18.64 10.78
CA ILE A 46 -4.19 -17.94 9.59
C ILE A 46 -5.66 -17.72 9.89
N SER A 47 -6.08 -16.45 9.92
CA SER A 47 -7.46 -16.11 10.22
C SER A 47 -8.08 -15.28 9.12
N PRO A 48 -8.78 -15.94 8.19
CA PRO A 48 -9.43 -15.24 7.08
C PRO A 48 -10.48 -14.22 7.52
N VAL A 49 -10.48 -13.08 6.85
CA VAL A 49 -11.39 -12.00 7.16
C VAL A 49 -12.84 -12.38 6.86
N ASN A 50 -13.74 -11.86 7.70
CA ASN A 50 -15.18 -12.10 7.55
C ASN A 50 -15.63 -11.58 6.19
N ASP A 51 -16.62 -12.24 5.59
CA ASP A 51 -17.14 -11.78 4.31
C ASP A 51 -17.80 -10.40 4.35
N THR A 52 -18.30 -9.98 5.51
CA THR A 52 -18.95 -8.67 5.58
C THR A 52 -17.98 -7.50 5.40
N TYR A 53 -16.69 -7.75 5.57
CA TYR A 53 -15.69 -6.70 5.38
C TYR A 53 -15.90 -6.17 3.96
N GLY A 54 -16.50 -4.99 3.84
CA GLY A 54 -16.81 -4.38 2.54
C GLY A 54 -15.67 -4.44 1.55
N LYS A 55 -15.42 -5.65 1.06
CA LYS A 55 -14.30 -5.89 0.16
C LYS A 55 -14.59 -6.11 -1.31
N LYS A 56 -13.71 -5.55 -2.15
CA LYS A 56 -13.75 -5.64 -3.62
C LYS A 56 -14.74 -6.74 -3.96
N ASP A 57 -14.46 -7.88 -3.35
CA ASP A 57 -15.19 -9.10 -3.44
C ASP A 57 -14.19 -10.21 -3.25
N LEU A 58 -14.42 -10.93 -2.17
CA LEU A 58 -13.62 -12.04 -1.75
C LEU A 58 -14.45 -13.24 -2.09
N ALA A 59 -13.80 -14.38 -2.25
CA ALA A 59 -14.53 -15.61 -2.46
C ALA A 59 -15.17 -15.84 -1.08
N ALA A 60 -16.21 -16.66 -1.01
CA ALA A 60 -16.86 -16.92 0.28
C ALA A 60 -15.83 -17.37 1.29
N SER A 61 -15.99 -16.95 2.54
CA SER A 61 -15.04 -17.34 3.57
C SER A 61 -14.96 -18.86 3.73
N HIS A 62 -16.06 -19.55 3.44
CA HIS A 62 -16.06 -21.00 3.53
C HIS A 62 -14.92 -21.55 2.67
N HIS A 63 -14.78 -21.01 1.47
CA HIS A 63 -13.73 -21.41 0.53
C HIS A 63 -12.33 -20.96 0.94
N ARG A 64 -12.22 -19.78 1.53
CA ARG A 64 -10.93 -19.24 1.93
C ARG A 64 -10.36 -20.03 3.11
N VAL A 65 -11.23 -20.42 4.05
CA VAL A 65 -10.84 -21.25 5.16
C VAL A 65 -10.38 -22.62 4.61
N ALA A 66 -11.17 -23.17 3.67
CA ALA A 66 -10.84 -24.46 3.05
C ALA A 66 -9.48 -24.43 2.36
N MET A 67 -9.24 -23.41 1.53
CA MET A 67 -7.97 -23.32 0.82
C MET A 67 -6.81 -23.21 1.79
N ALA A 68 -6.99 -22.46 2.87
CA ALA A 68 -5.93 -22.31 3.87
C ALA A 68 -5.68 -23.68 4.53
N ARG A 69 -6.75 -24.35 4.96
CA ARG A 69 -6.60 -25.68 5.56
C ARG A 69 -5.79 -26.61 4.64
N LEU A 70 -6.16 -26.65 3.36
CA LEU A 70 -5.49 -27.50 2.39
C LEU A 70 -4.02 -27.08 2.21
N ALA A 71 -3.78 -25.78 2.11
CA ALA A 71 -2.41 -25.26 1.99
C ALA A 71 -1.54 -25.61 3.20
N LEU A 72 -2.15 -25.67 4.38
CA LEU A 72 -1.43 -25.94 5.61
C LEU A 72 -1.30 -27.41 6.00
N GLN A 73 -1.77 -28.30 5.14
CA GLN A 73 -1.69 -29.72 5.43
C GLN A 73 -0.25 -30.18 5.67
N THR A 74 0.69 -29.64 4.89
CA THR A 74 2.11 -30.01 5.02
C THR A 74 2.89 -29.14 6.01
N SER A 75 2.17 -28.41 6.86
CA SER A 75 2.83 -27.59 7.86
C SER A 75 2.54 -28.26 9.21
N ASP A 76 3.56 -28.35 10.04
CA ASP A 76 3.33 -28.96 11.35
C ASP A 76 3.13 -27.92 12.45
N TRP A 77 3.05 -26.63 12.10
CA TRP A 77 2.85 -25.60 13.13
C TRP A 77 1.90 -24.46 12.79
N ILE A 78 1.41 -24.43 11.56
CA ILE A 78 0.49 -23.39 11.15
C ILE A 78 -0.88 -24.00 10.83
N ARG A 79 -1.92 -23.39 11.37
CA ARG A 79 -3.28 -23.85 11.16
C ARG A 79 -4.21 -22.71 10.83
N VAL A 80 -5.32 -23.02 10.17
CA VAL A 80 -6.30 -21.99 9.88
C VAL A 80 -7.31 -22.01 11.04
N ASP A 81 -7.91 -20.87 11.33
CA ASP A 81 -8.89 -20.78 12.40
C ASP A 81 -10.01 -19.97 11.81
N PRO A 82 -11.18 -20.58 11.60
CA PRO A 82 -12.34 -19.90 11.01
C PRO A 82 -13.13 -18.97 11.90
N TRP A 83 -12.83 -18.95 13.20
CA TRP A 83 -13.55 -18.13 14.15
C TRP A 83 -13.93 -16.73 13.64
N GLU A 84 -12.93 -15.97 13.23
CA GLU A 84 -13.17 -14.61 12.74
C GLU A 84 -14.17 -14.54 11.59
N SER A 85 -14.04 -15.45 10.63
CA SER A 85 -14.92 -15.45 9.47
C SER A 85 -16.31 -16.01 9.78
N GLU A 86 -16.45 -16.75 10.87
CA GLU A 86 -17.73 -17.32 11.25
C GLU A 86 -18.61 -16.36 12.06
N GLN A 87 -18.04 -15.25 12.53
CA GLN A 87 -18.81 -14.27 13.29
C GLN A 87 -19.86 -13.62 12.39
N ALA A 88 -20.94 -13.15 12.99
CA ALA A 88 -22.01 -12.52 12.22
C ALA A 88 -21.46 -11.39 11.35
N GLN A 89 -20.38 -10.76 11.77
CA GLN A 89 -19.80 -9.70 10.94
C GLN A 89 -18.36 -9.30 11.24
N TRP A 90 -17.84 -8.42 10.38
CA TRP A 90 -16.48 -7.92 10.50
C TRP A 90 -16.18 -7.37 11.88
N MET A 91 -14.99 -7.71 12.33
CA MET A 91 -14.50 -7.34 13.63
C MET A 91 -13.12 -6.70 13.48
N GLU A 92 -12.85 -5.64 14.25
CA GLU A 92 -11.54 -4.99 14.20
C GLU A 92 -10.48 -5.98 14.64
N THR A 93 -9.29 -5.83 14.07
CA THR A 93 -8.21 -6.74 14.36
C THR A 93 -7.88 -6.88 15.83
N VAL A 94 -7.86 -5.76 16.55
CA VAL A 94 -7.53 -5.86 17.96
C VAL A 94 -8.48 -6.84 18.68
N LYS A 95 -9.72 -6.94 18.21
CA LYS A 95 -10.68 -7.87 18.85
C LYS A 95 -10.36 -9.33 18.56
N VAL A 96 -9.86 -9.61 17.35
CA VAL A 96 -9.51 -10.99 17.02
C VAL A 96 -8.32 -11.40 17.90
N LEU A 97 -7.41 -10.47 18.13
CA LEU A 97 -6.26 -10.77 18.99
C LEU A 97 -6.75 -11.11 20.41
N ARG A 98 -7.65 -10.28 20.95
CA ARG A 98 -8.18 -10.51 22.30
C ARG A 98 -8.80 -11.90 22.37
N HIS A 99 -9.59 -12.27 21.36
CA HIS A 99 -10.23 -13.59 21.32
C HIS A 99 -9.21 -14.71 21.34
N HIS A 100 -8.25 -14.65 20.44
CA HIS A 100 -7.26 -15.71 20.40
C HIS A 100 -6.37 -15.68 21.63
N HIS A 101 -6.22 -14.51 22.24
CA HIS A 101 -5.42 -14.44 23.46
C HIS A 101 -6.22 -15.19 24.55
N SER A 102 -7.51 -14.90 24.67
CA SER A 102 -8.33 -15.57 25.67
C SER A 102 -8.26 -17.07 25.45
N LYS A 103 -8.33 -17.47 24.19
CA LYS A 103 -8.30 -18.88 23.85
C LYS A 103 -7.06 -19.52 24.49
N LEU A 104 -5.89 -18.92 24.24
CA LEU A 104 -4.63 -19.44 24.79
C LEU A 104 -4.66 -19.62 26.29
N LEU A 105 -5.32 -18.70 26.99
CA LEU A 105 -5.43 -18.75 28.44
C LEU A 105 -6.06 -20.08 28.88
N ALA A 126 3.02 -18.57 32.49
CA ALA A 126 2.74 -19.83 31.81
C ALA A 126 1.98 -19.58 30.51
N VAL A 127 1.72 -18.30 30.20
CA VAL A 127 0.99 -17.93 28.99
C VAL A 127 1.89 -17.37 27.89
N PRO A 128 1.74 -17.91 26.67
CA PRO A 128 2.55 -17.43 25.55
C PRO A 128 2.05 -16.10 25.02
N GLU A 129 2.97 -15.33 24.45
CA GLU A 129 2.62 -14.03 23.89
C GLU A 129 2.04 -14.21 22.47
N LEU A 130 0.92 -13.53 22.22
CA LEU A 130 0.28 -13.58 20.91
C LEU A 130 0.68 -12.36 20.08
N LYS A 131 1.26 -12.58 18.91
CA LYS A 131 1.68 -11.46 18.10
C LYS A 131 1.03 -11.42 16.73
N LEU A 132 0.76 -10.22 16.25
CA LEU A 132 0.15 -10.03 14.95
C LEU A 132 1.26 -10.09 13.89
N LEU A 133 1.12 -11.02 12.94
CA LEU A 133 2.08 -11.17 11.86
C LEU A 133 1.50 -10.49 10.62
N CYS A 134 2.25 -9.59 10.02
CA CYS A 134 1.79 -8.88 8.83
C CYS A 134 2.95 -8.41 7.97
N GLY A 135 2.66 -7.93 6.76
CA GLY A 135 3.69 -7.40 5.89
C GLY A 135 3.89 -5.93 6.23
N ALA A 136 5.03 -5.35 5.85
CA ALA A 136 5.32 -3.95 6.14
C ALA A 136 4.29 -2.99 5.56
N ASP A 137 3.57 -3.40 4.53
CA ASP A 137 2.56 -2.54 3.95
C ASP A 137 1.42 -2.28 4.94
N VAL A 138 1.09 -3.28 5.75
CA VAL A 138 0.03 -3.10 6.74
C VAL A 138 0.45 -2.03 7.72
N LEU A 139 1.72 -2.07 8.09
CA LEU A 139 2.26 -1.08 9.02
C LEU A 139 2.09 0.32 8.46
N LYS A 140 2.26 0.46 7.15
CA LYS A 140 2.12 1.76 6.52
C LYS A 140 0.68 2.24 6.63
N THR A 141 -0.28 1.32 6.64
CA THR A 141 -1.67 1.73 6.72
C THR A 141 -2.04 2.30 8.07
N PHE A 142 -1.22 2.08 9.10
CA PHE A 142 -1.58 2.64 10.40
C PHE A 142 -1.69 4.16 10.29
N GLN A 143 -0.98 4.75 9.33
CA GLN A 143 -0.98 6.20 9.11
C GLN A 143 -2.20 6.76 8.38
N THR A 144 -3.04 5.88 7.87
CA THR A 144 -4.22 6.31 7.15
C THR A 144 -5.29 6.80 8.09
N PRO A 145 -5.72 8.07 7.94
CA PRO A 145 -6.75 8.65 8.81
C PRO A 145 -8.02 7.81 8.89
N ASN A 146 -8.48 7.55 10.11
CA ASN A 146 -9.70 6.79 10.39
C ASN A 146 -9.60 5.29 10.16
N LEU A 147 -8.49 4.84 9.59
CA LEU A 147 -8.36 3.42 9.31
C LEU A 147 -8.26 2.63 10.60
N TRP A 148 -7.34 3.04 11.46
CA TRP A 148 -7.14 2.36 12.74
C TRP A 148 -7.36 3.35 13.87
N LYS A 149 -7.94 2.90 14.97
CA LYS A 149 -8.12 3.77 16.11
C LYS A 149 -6.77 3.75 16.83
N ASP A 150 -6.25 4.94 17.13
CA ASP A 150 -4.98 5.07 17.82
C ASP A 150 -4.88 4.17 19.03
N ALA A 151 -6.00 4.04 19.74
CA ALA A 151 -6.05 3.20 20.93
C ALA A 151 -5.86 1.72 20.57
N HIS A 152 -6.26 1.35 19.35
CA HIS A 152 -6.11 -0.04 18.87
C HIS A 152 -4.67 -0.27 18.44
N ILE A 153 -4.11 0.70 17.74
CA ILE A 153 -2.73 0.64 17.28
C ILE A 153 -1.88 0.42 18.52
N GLN A 154 -2.15 1.20 19.56
CA GLN A 154 -1.40 1.10 20.81
C GLN A 154 -1.60 -0.24 21.49
N GLU A 155 -2.83 -0.67 21.64
CA GLU A 155 -3.06 -1.94 22.29
C GLU A 155 -2.43 -3.11 21.50
N ILE A 156 -2.53 -3.02 20.17
CA ILE A 156 -1.98 -4.08 19.30
C ILE A 156 -0.48 -4.20 19.52
N VAL A 157 0.24 -3.08 19.48
CA VAL A 157 1.69 -3.14 19.67
C VAL A 157 2.14 -3.32 21.12
N GLU A 158 1.38 -2.80 22.08
CA GLU A 158 1.75 -2.93 23.49
C GLU A 158 1.31 -4.24 24.18
N LYS A 159 0.04 -4.60 24.03
CA LYS A 159 -0.48 -5.80 24.68
C LYS A 159 -0.23 -7.10 23.94
N PHE A 160 0.02 -7.01 22.65
CA PHE A 160 0.26 -8.23 21.87
C PHE A 160 1.63 -8.29 21.20
N GLY A 161 1.87 -7.34 20.31
CA GLY A 161 3.15 -7.32 19.62
C GLY A 161 2.94 -7.43 18.11
N LEU A 162 3.98 -7.04 17.38
CA LEU A 162 3.95 -7.06 15.93
C LEU A 162 5.20 -7.69 15.33
N VAL A 163 4.99 -8.58 14.37
CA VAL A 163 6.09 -9.19 13.65
C VAL A 163 5.79 -8.81 12.23
N CYS A 164 6.61 -7.92 11.69
CA CYS A 164 6.43 -7.40 10.35
C CYS A 164 7.50 -7.92 9.38
N VAL A 165 7.05 -8.45 8.24
CA VAL A 165 7.96 -8.99 7.23
C VAL A 165 8.16 -7.95 6.13
N GLY A 166 9.42 -7.70 5.77
CA GLY A 166 9.70 -6.69 4.76
C GLY A 166 9.02 -6.89 3.42
N ARG A 167 8.78 -5.79 2.74
CA ARG A 167 8.16 -5.78 1.42
C ARG A 167 8.79 -4.67 0.59
N VAL A 168 9.03 -4.96 -0.68
CA VAL A 168 9.63 -3.97 -1.58
C VAL A 168 8.84 -2.67 -1.61
N SER A 169 9.57 -1.55 -1.54
CA SER A 169 8.90 -0.26 -1.56
C SER A 169 8.51 0.30 -0.20
N HIS A 170 8.57 -0.50 0.85
CA HIS A 170 8.19 -0.01 2.18
C HIS A 170 9.41 0.12 3.09
N ASP A 171 9.38 1.12 3.99
CA ASP A 171 10.48 1.32 4.93
C ASP A 171 9.98 1.26 6.40
N PRO A 172 9.69 0.04 6.90
CA PRO A 172 9.20 -0.32 8.24
C PRO A 172 9.89 0.49 9.34
N LYS A 173 11.22 0.58 9.27
CA LYS A 173 11.96 1.35 10.26
C LYS A 173 11.55 2.81 10.28
N GLY A 174 11.24 3.36 9.11
CA GLY A 174 10.83 4.75 9.03
C GLY A 174 9.40 4.94 9.52
N TYR A 175 8.53 3.98 9.22
CA TYR A 175 7.14 4.06 9.67
C TYR A 175 7.16 4.06 11.18
N ILE A 176 8.01 3.21 11.74
CA ILE A 176 8.09 3.13 13.19
C ILE A 176 8.58 4.41 13.82
N ALA A 177 9.65 5.00 13.29
CA ALA A 177 10.22 6.24 13.81
C ALA A 177 9.27 7.44 13.70
N GLU A 178 8.49 7.50 12.63
CA GLU A 178 7.57 8.60 12.41
C GLU A 178 6.22 8.45 13.11
N SER A 179 6.03 7.34 13.81
CA SER A 179 4.79 7.13 14.55
C SER A 179 5.07 7.17 16.04
N PRO A 180 4.54 8.19 16.73
CA PRO A 180 4.76 8.31 18.18
C PRO A 180 4.38 7.06 18.95
N ILE A 181 3.28 6.42 18.54
CA ILE A 181 2.79 5.22 19.19
C ILE A 181 3.70 4.02 18.96
N LEU A 182 4.11 3.81 17.71
CA LEU A 182 4.97 2.69 17.36
C LEU A 182 6.37 2.89 17.93
N ARG A 183 6.85 4.13 17.89
CA ARG A 183 8.17 4.46 18.39
C ARG A 183 8.25 4.11 19.88
N MET A 184 7.22 4.50 20.62
CA MET A 184 7.16 4.25 22.07
C MET A 184 7.16 2.76 22.42
N HIS A 185 6.58 1.94 21.54
CA HIS A 185 6.50 0.51 21.78
C HIS A 185 7.30 -0.33 20.81
N GLN A 186 8.31 0.28 20.21
CA GLN A 186 9.11 -0.39 19.19
C GLN A 186 9.81 -1.68 19.61
N HIS A 187 10.03 -1.87 20.91
CA HIS A 187 10.68 -3.08 21.40
C HIS A 187 9.79 -4.28 21.13
N ASN A 188 8.49 -4.01 21.01
CA ASN A 188 7.48 -5.03 20.75
C ASN A 188 7.17 -5.23 19.26
N ILE A 189 7.93 -4.57 18.41
CA ILE A 189 7.73 -4.71 16.98
C ILE A 189 9.01 -5.40 16.50
N HIS A 190 8.85 -6.52 15.81
CA HIS A 190 10.01 -7.25 15.31
C HIS A 190 10.02 -7.20 13.78
N LEU A 191 11.09 -6.65 13.24
CA LEU A 191 11.27 -6.53 11.81
C LEU A 191 12.05 -7.69 11.24
N ALA A 192 11.42 -8.41 10.32
CA ALA A 192 12.06 -9.53 9.68
C ALA A 192 12.06 -9.32 8.18
N LYS A 193 13.10 -9.80 7.53
CA LYS A 193 13.19 -9.70 6.08
C LYS A 193 14.23 -10.67 5.60
N GLU A 194 13.91 -11.39 4.54
CA GLU A 194 14.84 -12.33 3.97
C GLU A 194 15.30 -11.70 2.68
N PRO A 195 16.60 -11.83 2.36
CA PRO A 195 17.21 -11.27 1.15
C PRO A 195 16.56 -11.81 -0.13
N VAL A 196 15.25 -12.01 -0.09
CA VAL A 196 14.52 -12.51 -1.25
C VAL A 196 13.54 -11.45 -1.75
N GLN A 197 13.15 -11.60 -3.01
CA GLN A 197 12.24 -10.67 -3.64
C GLN A 197 11.04 -11.41 -4.20
N ASN A 198 9.99 -11.53 -3.39
CA ASN A 198 8.81 -12.24 -3.86
C ASN A 198 7.55 -11.43 -3.70
N GLU A 199 7.21 -10.68 -4.73
CA GLU A 199 6.03 -9.85 -4.69
C GLU A 199 4.89 -10.37 -5.58
N ILE A 200 4.35 -11.53 -5.22
CA ILE A 200 3.24 -12.12 -5.96
C ILE A 200 2.03 -11.59 -5.22
N SER A 201 1.11 -10.95 -5.92
CA SER A 201 -0.08 -10.46 -5.22
C SER A 201 -1.25 -11.38 -5.52
N ALA A 202 -2.10 -11.59 -4.53
CA ALA A 202 -3.26 -12.44 -4.70
C ALA A 202 -4.13 -11.84 -5.81
N THR A 203 -4.07 -10.52 -5.97
CA THR A 203 -4.84 -9.86 -7.01
C THR A 203 -4.39 -10.42 -8.36
N TYR A 204 -3.07 -10.48 -8.58
CA TYR A 204 -2.55 -11.04 -9.79
C TYR A 204 -2.98 -12.50 -9.94
N ILE A 205 -2.90 -13.24 -8.84
CA ILE A 205 -3.28 -14.66 -8.86
C ILE A 205 -4.73 -14.81 -9.38
N ARG A 206 -5.65 -14.03 -8.83
CA ARG A 206 -7.06 -14.08 -9.24
C ARG A 206 -7.26 -13.77 -10.72
N ARG A 207 -6.61 -12.71 -11.20
CA ARG A 207 -6.70 -12.33 -12.60
C ARG A 207 -6.09 -13.43 -13.50
N ALA A 208 -4.93 -13.96 -13.11
CA ALA A 208 -4.32 -15.02 -13.90
C ALA A 208 -5.30 -16.20 -13.98
N LEU A 209 -5.89 -16.58 -12.85
CA LEU A 209 -6.84 -17.70 -12.84
C LEU A 209 -8.04 -17.36 -13.73
N GLY A 210 -8.53 -16.14 -13.65
CA GLY A 210 -9.65 -15.73 -14.46
C GLY A 210 -9.34 -15.78 -15.94
N GLN A 211 -8.07 -15.66 -16.30
CA GLN A 211 -7.70 -15.69 -17.71
C GLN A 211 -7.30 -17.09 -18.18
N GLY A 212 -7.51 -18.08 -17.32
CA GLY A 212 -7.17 -19.45 -17.65
C GLY A 212 -5.66 -19.73 -17.63
N GLN A 213 -4.89 -18.85 -17.00
CA GLN A 213 -3.45 -19.07 -16.95
C GLN A 213 -3.01 -19.84 -15.71
N SER A 214 -1.79 -20.35 -15.72
CA SER A 214 -1.30 -21.09 -14.56
C SER A 214 -0.80 -20.22 -13.43
N VAL A 215 -1.02 -20.66 -12.20
CA VAL A 215 -0.48 -19.97 -11.03
C VAL A 215 0.30 -21.01 -10.25
N LYS A 216 0.58 -22.13 -10.89
CA LYS A 216 1.30 -23.20 -10.24
C LYS A 216 2.66 -22.71 -9.80
N TYR A 217 3.05 -23.14 -8.59
CA TYR A 217 4.31 -22.75 -7.99
C TYR A 217 4.26 -21.32 -7.40
N LEU A 218 3.12 -20.63 -7.56
CA LEU A 218 2.92 -19.30 -6.94
C LEU A 218 2.04 -19.53 -5.69
N ILE A 219 1.16 -20.54 -5.77
CA ILE A 219 0.31 -20.90 -4.65
C ILE A 219 0.35 -22.42 -4.56
N PRO A 220 0.03 -22.99 -3.39
CA PRO A 220 0.09 -24.45 -3.25
C PRO A 220 -0.74 -25.28 -4.22
N ASP A 221 -0.19 -26.43 -4.62
CA ASP A 221 -0.93 -27.35 -5.51
C ASP A 221 -2.30 -27.68 -4.91
N ALA A 222 -2.35 -27.91 -3.61
CA ALA A 222 -3.62 -28.28 -2.97
C ALA A 222 -4.68 -27.18 -3.11
N VAL A 223 -4.23 -25.93 -3.19
CA VAL A 223 -5.13 -24.80 -3.34
C VAL A 223 -5.62 -24.67 -4.79
N ILE A 224 -4.74 -24.94 -5.75
CA ILE A 224 -5.07 -24.90 -7.17
C ILE A 224 -6.15 -25.98 -7.44
N THR A 225 -5.96 -27.16 -6.88
CA THR A 225 -6.91 -28.26 -7.02
C THR A 225 -8.31 -27.83 -6.49
N TYR A 226 -8.35 -27.21 -5.32
CA TYR A 226 -9.63 -26.79 -4.78
C TYR A 226 -10.27 -25.73 -5.66
N ILE A 227 -9.49 -24.77 -6.12
CA ILE A 227 -10.02 -23.71 -6.96
C ILE A 227 -10.59 -24.32 -8.24
N LYS A 228 -9.89 -25.30 -8.81
CA LYS A 228 -10.41 -25.94 -10.01
C LYS A 228 -11.70 -26.71 -9.68
N ASP A 229 -11.65 -27.59 -8.69
CA ASP A 229 -12.82 -28.38 -8.33
C ASP A 229 -14.09 -27.55 -8.03
N HIS A 230 -13.94 -26.38 -7.41
CA HIS A 230 -15.10 -25.56 -7.07
C HIS A 230 -15.33 -24.37 -7.98
N GLY A 231 -14.64 -24.34 -9.11
CA GLY A 231 -14.82 -23.28 -10.07
C GLY A 231 -14.68 -21.87 -9.52
N LEU A 232 -13.70 -21.65 -8.66
CA LEU A 232 -13.51 -20.33 -8.08
C LEU A 232 -12.67 -19.43 -8.98
N TYR A 233 -12.78 -18.11 -8.73
CA TYR A 233 -12.06 -17.08 -9.46
C TYR A 233 -12.23 -17.04 -10.95
N THR A 234 -13.43 -17.41 -11.40
CA THR A 234 -13.76 -17.38 -12.82
C THR A 234 -14.23 -15.97 -13.21
N SER B 3 -6.25 14.88 -35.21
CA SER B 3 -5.74 15.75 -34.11
C SER B 3 -5.71 15.00 -32.77
N ARG B 4 -4.80 15.40 -31.89
CA ARG B 4 -4.66 14.76 -30.59
C ARG B 4 -5.33 15.52 -29.45
N ILE B 5 -5.88 14.78 -28.50
CA ILE B 5 -6.54 15.38 -27.35
C ILE B 5 -5.50 15.94 -26.39
N PRO B 6 -5.54 17.25 -26.12
CA PRO B 6 -4.58 17.89 -25.20
C PRO B 6 -4.83 17.41 -23.78
N VAL B 7 -3.77 16.96 -23.11
CA VAL B 7 -3.91 16.46 -21.76
C VAL B 7 -3.03 17.18 -20.74
N VAL B 8 -3.53 17.27 -19.52
CA VAL B 8 -2.79 17.87 -18.42
C VAL B 8 -2.77 16.80 -17.35
N LEU B 9 -1.60 16.51 -16.80
CA LEU B 9 -1.49 15.50 -15.75
C LEU B 9 -1.31 16.15 -14.39
N LEU B 10 -2.14 15.73 -13.43
CA LEU B 10 -2.09 16.22 -12.09
C LEU B 10 -1.69 15.13 -11.09
N ALA B 11 -0.64 15.39 -10.31
CA ALA B 11 -0.22 14.42 -9.31
C ALA B 11 -0.39 15.06 -7.94
N CYS B 12 -1.14 14.39 -7.09
CA CYS B 12 -1.36 14.83 -5.74
C CYS B 12 -0.56 13.86 -4.88
N GLY B 13 -0.14 14.31 -3.70
CA GLY B 13 0.63 13.48 -2.82
C GLY B 13 1.38 14.38 -1.87
N SER B 14 2.07 13.82 -0.88
CA SER B 14 2.77 14.69 0.04
C SER B 14 4.09 15.26 -0.48
N PHE B 15 4.75 14.56 -1.41
CA PHE B 15 6.04 15.01 -1.98
C PHE B 15 6.89 15.50 -0.81
N ASN B 16 7.14 14.57 0.11
CA ASN B 16 7.82 14.85 1.37
C ASN B 16 9.12 14.08 1.66
N PRO B 17 10.19 14.33 0.88
CA PRO B 17 10.33 15.25 -0.24
C PRO B 17 10.07 14.62 -1.59
N ILE B 18 10.05 15.45 -2.63
CA ILE B 18 9.86 14.96 -3.98
C ILE B 18 11.10 14.12 -4.29
N THR B 19 10.95 13.04 -5.04
CA THR B 19 12.08 12.17 -5.38
C THR B 19 12.17 11.91 -6.88
N ASN B 20 13.24 11.24 -7.30
CA ASN B 20 13.43 10.90 -8.70
C ASN B 20 12.33 9.97 -9.22
N MET B 21 11.74 9.16 -8.35
CA MET B 21 10.67 8.28 -8.82
C MET B 21 9.40 9.07 -9.07
N HIS B 22 9.15 10.08 -8.24
CA HIS B 22 7.98 10.93 -8.39
C HIS B 22 8.08 11.56 -9.78
N LEU B 23 9.25 12.10 -10.08
CA LEU B 23 9.51 12.75 -11.34
C LEU B 23 9.42 11.78 -12.51
N ARG B 24 10.06 10.62 -12.37
CA ARG B 24 10.03 9.58 -13.40
C ARG B 24 8.59 9.25 -13.76
N MET B 25 7.72 9.24 -12.74
CA MET B 25 6.33 8.93 -12.95
C MET B 25 5.73 9.80 -14.07
N PHE B 26 5.99 11.11 -14.04
CA PHE B 26 5.46 11.99 -15.09
C PHE B 26 5.96 11.63 -16.48
N GLU B 27 7.26 11.40 -16.59
CA GLU B 27 7.86 11.05 -17.88
C GLU B 27 7.29 9.78 -18.46
N VAL B 28 7.12 8.78 -17.60
CA VAL B 28 6.58 7.49 -18.05
C VAL B 28 5.12 7.66 -18.52
N ALA B 29 4.32 8.35 -17.72
CA ALA B 29 2.92 8.57 -18.06
C ALA B 29 2.82 9.33 -19.38
N ARG B 30 3.67 10.35 -19.59
CA ARG B 30 3.62 11.11 -20.83
C ARG B 30 3.97 10.23 -22.04
N ASP B 31 5.10 9.53 -21.96
CA ASP B 31 5.48 8.64 -23.07
C ASP B 31 4.37 7.65 -23.37
N HIS B 32 3.68 7.17 -22.36
CA HIS B 32 2.61 6.22 -22.57
C HIS B 32 1.44 6.87 -23.31
N LEU B 33 0.97 8.02 -22.81
CA LEU B 33 -0.16 8.70 -23.48
C LEU B 33 0.18 9.03 -24.92
N HIS B 34 1.40 9.47 -25.17
CA HIS B 34 1.77 9.81 -26.53
C HIS B 34 1.77 8.58 -27.44
N GLN B 35 2.24 7.45 -26.92
CA GLN B 35 2.31 6.24 -27.73
C GLN B 35 0.92 5.73 -28.13
N THR B 36 -0.12 6.13 -27.40
CA THR B 36 -1.47 5.68 -27.76
C THR B 36 -1.81 6.38 -29.07
N GLY B 37 -1.28 7.60 -29.21
CA GLY B 37 -1.51 8.39 -30.40
C GLY B 37 -2.74 9.27 -30.30
N MET B 38 -3.59 8.99 -29.31
CA MET B 38 -4.81 9.76 -29.13
C MET B 38 -4.58 11.04 -28.30
N TYR B 39 -3.43 11.14 -27.64
CA TYR B 39 -3.20 12.31 -26.79
C TYR B 39 -1.87 13.04 -27.00
N GLN B 40 -1.81 14.23 -26.42
CA GLN B 40 -0.63 15.09 -26.45
C GLN B 40 -0.61 15.79 -25.10
N VAL B 41 0.28 15.32 -24.23
CA VAL B 41 0.43 15.90 -22.90
C VAL B 41 1.04 17.28 -23.04
N ILE B 42 0.36 18.29 -22.54
CA ILE B 42 0.88 19.65 -22.67
C ILE B 42 1.48 20.19 -21.37
N GLN B 43 1.20 19.52 -20.26
CA GLN B 43 1.74 19.97 -19.00
C GLN B 43 1.48 19.03 -17.81
N GLY B 44 2.38 19.09 -16.84
CA GLY B 44 2.25 18.27 -15.65
C GLY B 44 2.20 19.17 -14.42
N ILE B 45 1.42 18.77 -13.43
CA ILE B 45 1.28 19.56 -12.22
C ILE B 45 1.48 18.76 -10.93
N ILE B 46 2.49 19.14 -10.17
CA ILE B 46 2.75 18.50 -8.88
C ILE B 46 1.97 19.32 -7.84
N SER B 47 1.04 18.68 -7.17
CA SER B 47 0.26 19.40 -6.16
C SER B 47 0.43 18.83 -4.76
N PRO B 48 1.38 19.40 -3.99
CA PRO B 48 1.66 18.97 -2.62
C PRO B 48 0.44 19.09 -1.74
N VAL B 49 0.23 18.06 -0.91
CA VAL B 49 -0.93 18.05 -0.02
C VAL B 49 -0.80 19.13 1.04
N ASN B 50 -1.94 19.56 1.58
CA ASN B 50 -2.03 20.60 2.59
C ASN B 50 -1.46 20.10 3.92
N ASP B 51 -0.89 21.00 4.72
CA ASP B 51 -0.33 20.59 6.01
C ASP B 51 -1.32 19.99 7.01
N THR B 52 -2.58 20.38 6.93
CA THR B 52 -3.56 19.85 7.88
C THR B 52 -3.91 18.39 7.63
N TYR B 53 -3.43 17.83 6.53
CA TYR B 53 -3.70 16.43 6.20
C TYR B 53 -3.22 15.58 7.35
N GLY B 54 -4.08 15.37 8.35
CA GLY B 54 -3.72 14.57 9.53
C GLY B 54 -2.67 13.57 9.17
N LYS B 55 -1.40 13.91 9.41
CA LYS B 55 -0.34 13.01 9.01
C LYS B 55 0.93 12.87 9.85
N LYS B 56 1.84 12.11 9.26
CA LYS B 56 3.13 11.77 9.83
C LYS B 56 4.04 12.98 10.06
N ASP B 57 5.28 12.83 9.62
CA ASP B 57 6.34 13.80 9.69
C ASP B 57 6.35 14.59 8.39
N LEU B 58 5.38 15.49 8.25
CA LEU B 58 5.26 16.28 7.05
C LEU B 58 5.95 17.64 7.14
N ALA B 59 6.94 17.88 6.29
CA ALA B 59 7.63 19.17 6.32
C ALA B 59 6.64 20.26 5.92
N ALA B 60 6.82 21.48 6.44
CA ALA B 60 5.93 22.59 6.11
C ALA B 60 5.70 22.64 4.59
N SER B 61 4.45 22.84 4.19
CA SER B 61 4.08 22.87 2.78
C SER B 61 4.94 23.77 1.89
N HIS B 62 5.28 24.99 2.35
CA HIS B 62 6.07 25.87 1.50
C HIS B 62 7.45 25.27 1.22
N HIS B 63 7.93 24.43 2.13
CA HIS B 63 9.21 23.75 1.93
C HIS B 63 9.05 22.68 0.84
N ARG B 64 7.93 21.96 0.89
CA ARG B 64 7.66 20.91 -0.09
C ARG B 64 7.38 21.47 -1.47
N VAL B 65 6.74 22.64 -1.51
CA VAL B 65 6.49 23.32 -2.78
C VAL B 65 7.82 23.83 -3.35
N ALA B 66 8.67 24.39 -2.50
CA ALA B 66 9.98 24.90 -2.95
C ALA B 66 10.90 23.80 -3.52
N MET B 67 10.92 22.64 -2.87
CA MET B 67 11.75 21.50 -3.31
C MET B 67 11.24 20.98 -4.64
N ALA B 68 9.92 20.88 -4.76
CA ALA B 68 9.31 20.41 -6.01
C ALA B 68 9.70 21.39 -7.10
N ARG B 69 9.66 22.68 -6.77
CA ARG B 69 10.00 23.73 -7.72
C ARG B 69 11.47 23.61 -8.13
N LEU B 70 12.37 23.41 -7.16
CA LEU B 70 13.79 23.25 -7.48
C LEU B 70 14.00 21.99 -8.34
N ALA B 71 13.24 20.94 -8.00
CA ALA B 71 13.32 19.67 -8.70
C ALA B 71 12.87 19.83 -10.14
N LEU B 72 11.86 20.66 -10.35
CA LEU B 72 11.30 20.91 -11.66
C LEU B 72 11.98 21.97 -12.54
N GLN B 73 13.01 22.63 -12.03
CA GLN B 73 13.67 23.65 -12.84
C GLN B 73 14.18 23.13 -14.18
N THR B 74 14.60 21.87 -14.23
CA THR B 74 15.11 21.31 -15.49
C THR B 74 14.00 20.67 -16.32
N SER B 75 12.76 20.88 -15.94
CA SER B 75 11.62 20.32 -16.66
C SER B 75 10.98 21.40 -17.52
N ASP B 76 10.77 21.08 -18.80
CA ASP B 76 10.17 22.04 -19.72
C ASP B 76 8.65 21.90 -19.79
N TRP B 77 8.06 20.97 -19.04
CA TRP B 77 6.61 20.78 -19.09
C TRP B 77 5.91 20.48 -17.77
N ILE B 78 6.69 20.32 -16.71
CA ILE B 78 6.10 20.01 -15.41
C ILE B 78 6.29 21.16 -14.44
N ARG B 79 5.26 21.47 -13.66
CA ARG B 79 5.38 22.54 -12.68
C ARG B 79 4.64 22.18 -11.40
N VAL B 80 4.97 22.87 -10.32
CA VAL B 80 4.31 22.65 -9.04
C VAL B 80 3.28 23.76 -8.87
N ASP B 81 2.11 23.42 -8.39
CA ASP B 81 1.06 24.40 -8.15
C ASP B 81 0.74 24.32 -6.67
N PRO B 82 1.09 25.38 -5.92
CA PRO B 82 0.86 25.47 -4.47
C PRO B 82 -0.57 25.68 -3.98
N TRP B 83 -1.51 25.92 -4.90
CA TRP B 83 -2.90 26.15 -4.52
C TRP B 83 -3.43 25.21 -3.44
N GLU B 84 -3.34 23.90 -3.68
CA GLU B 84 -3.84 22.93 -2.73
C GLU B 84 -3.24 23.06 -1.33
N SER B 85 -1.93 23.24 -1.27
CA SER B 85 -1.22 23.38 -0.01
C SER B 85 -1.53 24.73 0.62
N GLU B 86 -1.84 25.71 -0.22
CA GLU B 86 -2.16 27.05 0.27
C GLU B 86 -3.60 27.20 0.72
N GLN B 87 -4.42 26.19 0.48
CA GLN B 87 -5.79 26.29 0.95
C GLN B 87 -5.72 26.31 2.48
N ALA B 88 -6.84 26.55 3.13
CA ALA B 88 -6.84 26.61 4.57
C ALA B 88 -6.81 25.23 5.19
N GLN B 89 -7.56 24.31 4.61
CA GLN B 89 -7.63 22.98 5.18
C GLN B 89 -7.40 21.90 4.14
N TRP B 90 -7.40 20.64 4.57
CA TRP B 90 -7.23 19.53 3.64
C TRP B 90 -8.45 19.48 2.74
N MET B 91 -8.27 18.96 1.54
CA MET B 91 -9.32 18.87 0.55
C MET B 91 -9.30 17.51 -0.16
N GLU B 92 -10.46 16.89 -0.35
CA GLU B 92 -10.49 15.61 -1.08
C GLU B 92 -9.94 15.86 -2.47
N THR B 93 -9.26 14.87 -3.03
CA THR B 93 -8.64 14.99 -4.33
C THR B 93 -9.57 15.39 -5.49
N VAL B 94 -10.81 14.91 -5.50
CA VAL B 94 -11.73 15.30 -6.57
C VAL B 94 -11.86 16.82 -6.57
N LYS B 95 -11.89 17.42 -5.39
CA LYS B 95 -12.02 18.86 -5.31
C LYS B 95 -10.79 19.54 -5.86
N VAL B 96 -9.62 18.91 -5.76
CA VAL B 96 -8.43 19.54 -6.32
C VAL B 96 -8.53 19.43 -7.83
N LEU B 97 -9.12 18.34 -8.31
CA LEU B 97 -9.27 18.15 -9.77
C LEU B 97 -10.27 19.17 -10.37
N ARG B 98 -11.30 19.50 -9.62
CA ARG B 98 -12.30 20.47 -10.09
C ARG B 98 -11.64 21.85 -10.19
N HIS B 99 -10.96 22.27 -9.13
CA HIS B 99 -10.28 23.57 -9.12
C HIS B 99 -9.39 23.77 -10.34
N HIS B 100 -8.50 22.82 -10.59
CA HIS B 100 -7.57 22.90 -11.72
C HIS B 100 -8.29 22.75 -13.06
N HIS B 101 -9.46 22.13 -13.01
CA HIS B 101 -10.24 21.99 -14.22
C HIS B 101 -10.77 23.37 -14.57
N SER B 102 -11.16 24.11 -13.52
CA SER B 102 -11.66 25.47 -13.66
C SER B 102 -10.57 26.35 -14.24
N LYS B 103 -9.38 26.30 -13.65
CA LYS B 103 -8.27 27.12 -14.14
C LYS B 103 -8.03 26.92 -15.62
N LEU B 104 -8.12 25.66 -16.08
CA LEU B 104 -7.92 25.31 -17.47
C LEU B 104 -8.85 26.06 -18.41
N LEU B 105 -9.97 26.53 -17.87
CA LEU B 105 -10.97 27.26 -18.65
C LEU B 105 -10.77 28.77 -18.48
N ARG B 106 -9.72 29.16 -17.77
CA ARG B 106 -9.42 30.57 -17.50
C ARG B 106 -10.63 31.30 -16.92
N VAL B 127 -10.61 22.41 -25.29
CA VAL B 127 -10.14 22.44 -23.92
C VAL B 127 -9.41 21.13 -23.57
N PRO B 128 -8.27 21.23 -22.87
CA PRO B 128 -7.45 20.08 -22.45
C PRO B 128 -8.11 19.16 -21.42
N GLU B 129 -7.87 17.86 -21.53
CA GLU B 129 -8.43 16.90 -20.58
C GLU B 129 -7.53 16.82 -19.36
N LEU B 130 -8.12 16.91 -18.17
CA LEU B 130 -7.36 16.85 -16.93
C LEU B 130 -7.43 15.46 -16.29
N LYS B 131 -6.29 14.78 -16.24
CA LYS B 131 -6.23 13.44 -15.68
C LYS B 131 -5.37 13.38 -14.41
N LEU B 132 -5.81 12.55 -13.46
CA LEU B 132 -5.11 12.35 -12.20
C LEU B 132 -3.99 11.34 -12.42
N LEU B 133 -2.78 11.71 -12.03
CA LEU B 133 -1.63 10.83 -12.17
C LEU B 133 -1.25 10.22 -10.83
N CYS B 134 -1.12 8.90 -10.79
CA CYS B 134 -0.76 8.25 -9.54
C CYS B 134 -0.10 6.91 -9.80
N GLY B 135 0.49 6.37 -8.74
CA GLY B 135 1.12 5.07 -8.81
C GLY B 135 0.08 4.02 -8.50
N ALA B 136 0.36 2.79 -8.94
CA ALA B 136 -0.55 1.67 -8.72
C ALA B 136 -0.99 1.50 -7.27
N ASP B 137 -0.12 1.82 -6.33
CA ASP B 137 -0.47 1.68 -4.92
C ASP B 137 -1.67 2.54 -4.52
N VAL B 138 -1.78 3.73 -5.14
CA VAL B 138 -2.89 4.63 -4.83
C VAL B 138 -4.19 3.96 -5.29
N LEU B 139 -4.13 3.36 -6.46
CA LEU B 139 -5.25 2.68 -7.07
C LEU B 139 -5.77 1.58 -6.16
N LYS B 140 -4.87 0.87 -5.49
CA LYS B 140 -5.32 -0.17 -4.58
C LYS B 140 -6.03 0.43 -3.36
N THR B 141 -5.77 1.68 -3.02
CA THR B 141 -6.42 2.27 -1.86
C THR B 141 -7.89 2.60 -2.12
N PHE B 142 -8.32 2.57 -3.38
CA PHE B 142 -9.70 2.86 -3.69
C PHE B 142 -10.57 1.78 -3.05
N GLN B 143 -9.95 0.68 -2.63
CA GLN B 143 -10.70 -0.41 -2.02
C GLN B 143 -10.80 -0.26 -0.52
N THR B 144 -9.86 0.46 0.08
CA THR B 144 -9.86 0.62 1.51
C THR B 144 -11.17 1.17 2.03
N PRO B 145 -11.85 0.42 2.90
CA PRO B 145 -13.13 0.82 3.49
C PRO B 145 -13.20 2.29 3.92
N ASN B 146 -14.18 3.00 3.38
CA ASN B 146 -14.38 4.41 3.71
C ASN B 146 -13.27 5.37 3.32
N LEU B 147 -12.16 4.89 2.75
CA LEU B 147 -11.09 5.83 2.41
C LEU B 147 -11.50 6.80 1.30
N TRP B 148 -12.20 6.30 0.28
CA TRP B 148 -12.66 7.16 -0.80
C TRP B 148 -14.16 6.98 -0.94
N LYS B 149 -14.85 8.06 -1.30
CA LYS B 149 -16.28 7.98 -1.51
C LYS B 149 -16.46 7.36 -2.89
N ASP B 150 -17.34 6.37 -3.02
CA ASP B 150 -17.59 5.75 -4.31
C ASP B 150 -17.91 6.84 -5.33
N ALA B 151 -18.67 7.85 -4.90
CA ALA B 151 -19.05 8.95 -5.79
C ALA B 151 -17.81 9.67 -6.31
N HIS B 152 -16.78 9.76 -5.49
CA HIS B 152 -15.55 10.43 -5.91
C HIS B 152 -14.73 9.58 -6.86
N ILE B 153 -14.65 8.27 -6.60
CA ILE B 153 -13.91 7.39 -7.48
C ILE B 153 -14.56 7.47 -8.86
N GLN B 154 -15.89 7.53 -8.88
CA GLN B 154 -16.60 7.64 -10.15
C GLN B 154 -16.31 8.95 -10.85
N GLU B 155 -16.39 10.06 -10.14
CA GLU B 155 -16.12 11.34 -10.79
C GLU B 155 -14.69 11.40 -11.33
N ILE B 156 -13.76 10.84 -10.58
CA ILE B 156 -12.38 10.85 -11.01
C ILE B 156 -12.16 10.16 -12.35
N VAL B 157 -12.71 8.96 -12.54
CA VAL B 157 -12.51 8.24 -13.81
C VAL B 157 -13.58 8.45 -14.87
N GLU B 158 -14.62 9.20 -14.53
CA GLU B 158 -15.69 9.47 -15.49
C GLU B 158 -15.57 10.91 -16.02
N LYS B 159 -15.49 11.85 -15.10
CA LYS B 159 -15.35 13.25 -15.47
C LYS B 159 -13.93 13.59 -15.93
N PHE B 160 -12.94 13.15 -15.15
CA PHE B 160 -11.57 13.48 -15.50
C PHE B 160 -10.81 12.36 -16.20
N GLY B 161 -10.18 11.49 -15.43
CA GLY B 161 -9.42 10.41 -16.03
C GLY B 161 -8.30 10.03 -15.10
N LEU B 162 -7.77 8.82 -15.28
CA LEU B 162 -6.74 8.31 -14.40
C LEU B 162 -5.60 7.65 -15.16
N VAL B 163 -4.37 8.11 -14.91
CA VAL B 163 -3.17 7.53 -15.51
C VAL B 163 -2.40 6.95 -14.32
N CYS B 164 -2.17 5.65 -14.40
CA CYS B 164 -1.52 4.93 -13.33
C CYS B 164 -0.18 4.32 -13.74
N VAL B 165 0.86 4.57 -12.95
CA VAL B 165 2.18 4.02 -13.26
C VAL B 165 2.40 2.77 -12.42
N GLY B 166 2.91 1.73 -13.04
CA GLY B 166 3.12 0.49 -12.33
C GLY B 166 4.07 0.56 -11.15
N ARG B 167 3.83 -0.29 -10.16
CA ARG B 167 4.68 -0.36 -8.99
C ARG B 167 4.75 -1.81 -8.56
N VAL B 168 5.93 -2.21 -8.08
CA VAL B 168 6.19 -3.60 -7.66
C VAL B 168 5.24 -4.08 -6.59
N SER B 169 4.65 -5.25 -6.83
CA SER B 169 3.72 -5.84 -5.88
C SER B 169 2.27 -5.45 -6.15
N HIS B 170 2.04 -4.62 -7.15
CA HIS B 170 0.67 -4.21 -7.45
C HIS B 170 0.22 -4.69 -8.79
N ASP B 171 -1.05 -5.10 -8.87
CA ASP B 171 -1.62 -5.57 -10.10
C ASP B 171 -2.80 -4.66 -10.50
N PRO B 172 -2.51 -3.50 -11.12
CA PRO B 172 -3.48 -2.49 -11.57
C PRO B 172 -4.62 -3.08 -12.39
N LYS B 173 -4.30 -3.90 -13.38
CA LYS B 173 -5.34 -4.50 -14.21
C LYS B 173 -6.37 -5.24 -13.34
N GLY B 174 -5.89 -5.91 -12.29
CA GLY B 174 -6.76 -6.63 -11.39
C GLY B 174 -7.57 -5.70 -10.50
N TYR B 175 -6.97 -4.59 -10.08
CA TYR B 175 -7.71 -3.65 -9.25
C TYR B 175 -8.87 -3.13 -10.08
N ILE B 176 -8.57 -2.75 -11.31
CA ILE B 176 -9.59 -2.23 -12.21
C ILE B 176 -10.71 -3.24 -12.47
N ALA B 177 -10.35 -4.49 -12.79
CA ALA B 177 -11.36 -5.49 -13.07
C ALA B 177 -12.26 -5.79 -11.88
N GLU B 178 -11.72 -5.73 -10.68
CA GLU B 178 -12.49 -6.06 -9.49
C GLU B 178 -13.29 -4.92 -8.87
N SER B 179 -13.13 -3.71 -9.40
CA SER B 179 -13.88 -2.57 -8.89
C SER B 179 -15.02 -2.30 -9.86
N PRO B 180 -16.26 -2.55 -9.44
CA PRO B 180 -17.39 -2.31 -10.32
C PRO B 180 -17.40 -0.89 -10.88
N ILE B 181 -16.82 0.05 -10.15
CA ILE B 181 -16.79 1.43 -10.65
C ILE B 181 -15.72 1.61 -11.73
N LEU B 182 -14.50 1.21 -11.42
CA LEU B 182 -13.40 1.36 -12.36
C LEU B 182 -13.56 0.61 -13.66
N ARG B 183 -13.99 -0.66 -13.60
CA ARG B 183 -14.09 -1.42 -14.84
C ARG B 183 -15.09 -0.86 -15.84
N MET B 184 -15.97 0.02 -15.38
CA MET B 184 -16.98 0.61 -16.27
C MET B 184 -16.43 1.83 -17.02
N HIS B 185 -15.30 2.35 -16.53
CA HIS B 185 -14.71 3.54 -17.12
C HIS B 185 -13.29 3.28 -17.67
N GLN B 186 -13.01 2.04 -18.01
CA GLN B 186 -11.69 1.67 -18.51
C GLN B 186 -11.11 2.53 -19.62
N HIS B 187 -11.96 3.13 -20.45
CA HIS B 187 -11.47 3.97 -21.55
C HIS B 187 -10.76 5.21 -21.03
N ASN B 188 -11.06 5.60 -19.80
CA ASN B 188 -10.45 6.78 -19.21
C ASN B 188 -9.34 6.45 -18.24
N ILE B 189 -9.01 5.17 -18.13
CA ILE B 189 -7.95 4.75 -17.24
C ILE B 189 -6.83 4.23 -18.13
N HIS B 190 -5.64 4.77 -17.93
CA HIS B 190 -4.49 4.38 -18.73
C HIS B 190 -3.42 3.77 -17.83
N LEU B 191 -3.01 2.55 -18.14
CA LEU B 191 -2.00 1.89 -17.34
C LEU B 191 -0.64 2.03 -18.00
N ALA B 192 0.22 2.84 -17.39
CA ALA B 192 1.55 3.04 -17.92
C ALA B 192 2.48 2.05 -17.23
N LYS B 193 3.16 1.24 -18.02
CA LYS B 193 4.08 0.23 -17.50
C LYS B 193 5.48 0.79 -17.28
N GLU B 194 6.03 0.52 -16.09
CA GLU B 194 7.35 0.95 -15.70
C GLU B 194 8.34 -0.21 -15.81
N PRO B 195 8.99 -0.36 -16.98
CA PRO B 195 9.96 -1.44 -17.20
C PRO B 195 11.22 -1.37 -16.34
N VAL B 196 11.34 -0.31 -15.57
CA VAL B 196 12.49 -0.14 -14.66
C VAL B 196 12.07 -0.30 -13.20
N GLN B 197 12.73 -1.21 -12.50
CA GLN B 197 12.47 -1.46 -11.09
C GLN B 197 13.05 -0.26 -10.35
N ASN B 198 12.19 0.68 -9.98
CA ASN B 198 12.65 1.88 -9.32
C ASN B 198 11.76 2.17 -8.10
N GLU B 199 11.97 1.38 -7.06
CA GLU B 199 11.16 1.50 -5.85
C GLU B 199 11.82 2.30 -4.72
N ILE B 200 11.80 3.62 -4.86
CA ILE B 200 12.37 4.51 -3.86
C ILE B 200 11.26 4.99 -2.93
N SER B 201 11.48 4.84 -1.63
CA SER B 201 10.50 5.29 -0.67
C SER B 201 10.91 6.61 -0.02
N ALA B 202 10.02 7.58 -0.04
CA ALA B 202 10.31 8.86 0.57
C ALA B 202 10.55 8.65 2.07
N THR B 203 9.87 7.66 2.63
CA THR B 203 10.03 7.34 4.04
C THR B 203 11.49 6.96 4.26
N TYR B 204 12.02 6.18 3.31
CA TYR B 204 13.40 5.79 3.38
C TYR B 204 14.29 7.01 3.23
N ILE B 205 13.98 7.87 2.25
CA ILE B 205 14.76 9.07 1.99
C ILE B 205 14.92 9.89 3.29
N ARG B 206 13.82 10.10 4.01
CA ARG B 206 13.83 10.86 5.24
C ARG B 206 14.65 10.19 6.35
N ARG B 207 14.50 8.87 6.50
CA ARG B 207 15.24 8.16 7.53
C ARG B 207 16.74 8.23 7.25
N ALA B 208 17.12 8.02 5.99
CA ALA B 208 18.53 8.07 5.61
C ALA B 208 19.12 9.44 5.94
N LEU B 209 18.39 10.50 5.59
CA LEU B 209 18.84 11.86 5.87
C LEU B 209 19.00 12.09 7.35
N GLY B 210 18.02 11.65 8.13
CA GLY B 210 18.09 11.82 9.57
C GLY B 210 19.28 11.09 10.18
N GLN B 211 19.79 10.06 9.49
CA GLN B 211 20.93 9.27 9.97
C GLN B 211 22.23 9.82 9.38
N GLY B 212 22.12 10.92 8.65
CA GLY B 212 23.30 11.53 8.03
C GLY B 212 23.86 10.72 6.87
N GLN B 213 23.03 9.89 6.25
CA GLN B 213 23.48 9.09 5.12
C GLN B 213 23.12 9.82 3.82
N SER B 214 23.84 9.50 2.74
CA SER B 214 23.59 10.12 1.45
C SER B 214 22.32 9.64 0.76
N VAL B 215 21.67 10.54 0.03
CA VAL B 215 20.50 10.20 -0.77
C VAL B 215 20.72 10.79 -2.16
N LYS B 216 21.98 11.12 -2.46
CA LYS B 216 22.33 11.68 -3.74
C LYS B 216 22.05 10.64 -4.84
N TYR B 217 21.54 11.13 -5.98
CA TYR B 217 21.19 10.30 -7.12
C TYR B 217 19.83 9.58 -6.93
N LEU B 218 19.20 9.80 -5.77
CA LEU B 218 17.87 9.24 -5.47
C LEU B 218 16.86 10.39 -5.60
N ILE B 219 17.29 11.61 -5.25
CA ILE B 219 16.48 12.82 -5.38
C ILE B 219 17.39 13.90 -6.00
N PRO B 220 16.81 14.96 -6.56
CA PRO B 220 17.62 16.02 -7.19
C PRO B 220 18.66 16.71 -6.33
N ASP B 221 19.82 16.99 -6.92
CA ASP B 221 20.90 17.69 -6.21
C ASP B 221 20.41 18.95 -5.49
N ALA B 222 19.61 19.76 -6.19
CA ALA B 222 19.12 21.01 -5.62
C ALA B 222 18.18 20.79 -4.46
N VAL B 223 17.45 19.68 -4.49
CA VAL B 223 16.52 19.38 -3.39
C VAL B 223 17.35 19.01 -2.15
N ILE B 224 18.44 18.31 -2.39
CA ILE B 224 19.33 17.91 -1.31
C ILE B 224 19.91 19.17 -0.66
N THR B 225 20.37 20.11 -1.48
CA THR B 225 20.95 21.35 -0.99
C THR B 225 19.93 22.12 -0.16
N TYR B 226 18.72 22.21 -0.69
CA TYR B 226 17.66 22.93 0.01
C TYR B 226 17.37 22.29 1.36
N ILE B 227 17.31 20.97 1.38
CA ILE B 227 17.05 20.20 2.60
C ILE B 227 18.09 20.54 3.67
N LYS B 228 19.35 20.51 3.25
CA LYS B 228 20.48 20.81 4.13
C LYS B 228 20.40 22.25 4.63
N ASP B 229 20.31 23.21 3.71
CA ASP B 229 20.24 24.62 4.09
C ASP B 229 19.14 24.96 5.09
N HIS B 230 18.00 24.29 4.97
CA HIS B 230 16.90 24.57 5.88
C HIS B 230 16.75 23.56 7.00
N GLY B 231 17.79 22.74 7.20
CA GLY B 231 17.76 21.74 8.27
C GLY B 231 16.53 20.84 8.32
N LEU B 232 16.07 20.37 7.17
CA LEU B 232 14.89 19.51 7.13
C LEU B 232 15.25 18.05 7.36
N TYR B 233 14.30 17.31 7.94
CA TYR B 233 14.42 15.88 8.21
C TYR B 233 15.56 15.45 9.14
N THR B 234 15.76 16.19 10.22
CA THR B 234 16.80 15.85 11.20
C THR B 234 16.10 15.38 12.47
S SO4 C . -13.02 -1.16 21.91
O1 SO4 C . -13.17 -1.04 20.46
O2 SO4 C . -13.38 -2.52 22.33
O3 SO4 C . -11.63 -0.92 22.33
O4 SO4 C . -13.96 -0.19 22.59
O3P NMN D . -7.68 -6.01 3.06
P NMN D . -7.05 -5.07 4.00
O1P NMN D . -5.67 -4.60 3.72
O2P NMN D . -8.01 -3.76 4.08
O5R NMN D . -7.12 -5.68 5.50
C5R NMN D . -6.29 -6.78 5.83
C4R NMN D . -6.47 -7.22 7.29
O4R NMN D . -6.24 -6.04 8.15
C3R NMN D . -7.91 -7.68 7.56
O3R NMN D . -7.89 -8.75 8.52
C2R NMN D . -8.58 -6.45 8.15
O2R NMN D . -9.63 -6.82 9.04
C1R NMN D . -7.46 -5.79 8.93
N1 NMN D . -7.71 -4.34 9.20
C2 NMN D . -8.07 -3.95 10.49
C3 NMN D . -8.34 -2.60 10.76
C7 NMN D . -8.79 -2.18 12.16
O7 NMN D . -8.90 -3.02 13.06
N7 NMN D . -9.03 -0.88 12.31
C4 NMN D . -8.24 -1.65 9.72
C5 NMN D . -7.86 -2.07 8.43
C6 NMN D . -7.60 -3.43 8.20
PG APC E . -4.44 -8.69 -2.27
O1G APC E . -4.38 -7.42 -1.51
O2G APC E . -4.04 -8.65 -3.71
O3G APC E . -5.96 -9.25 -2.20
PB APC E . -2.53 -9.48 -0.32
O1B APC E . -1.83 -10.74 0.05
O2B APC E . -1.69 -8.33 -0.77
O3B APC E . -3.59 -9.84 -1.51
PA APC E . -3.94 -10.20 2.21
O1A APC E . -4.93 -9.64 3.16
O2A APC E . -4.29 -11.48 1.52
C3A APC E . -3.60 -8.92 1.02
O5' APC E . -2.51 -10.37 2.98
C5' APC E . -2.47 -10.90 4.32
C4' APC E . -1.10 -10.68 5.00
O4' APC E . -0.04 -11.23 4.15
C3' APC E . -0.79 -9.18 5.13
O3' APC E . -0.11 -8.93 6.36
C2' APC E . 0.12 -8.88 3.97
O2' APC E . 0.99 -7.80 4.31
C1' APC E . 0.91 -10.16 3.84
N9 APC E . 1.52 -10.34 2.50
C8 APC E . 0.86 -10.58 1.36
N7 APC E . 1.74 -10.78 0.36
C5 APC E . 2.96 -10.65 0.86
C6 APC E . 4.23 -10.76 0.30
N6 APC E . 4.36 -11.07 -0.99
N1 APC E . 5.31 -10.56 1.07
C2 APC E . 5.17 -10.28 2.46
N3 APC E . 3.94 -10.19 2.99
C4 APC E . 2.83 -10.38 2.23
S SO4 F . -18.90 16.60 -2.83
O1 SO4 F . -17.94 16.07 -1.84
O2 SO4 F . -18.44 17.90 -3.33
O3 SO4 F . -19.00 15.70 -3.99
O4 SO4 F . -20.23 16.77 -2.17
O3P NMN G . 0.31 9.71 1.77
P NMN G . -1.04 9.38 1.21
O1P NMN G . -1.31 8.00 0.75
O2P NMN G . -2.14 9.76 2.33
O5R NMN G . -1.36 10.42 0.02
C5R NMN G . -2.47 10.18 -0.82
C4R NMN G . -2.72 11.34 -1.80
O4R NMN G . -4.07 11.15 -2.33
C3R NMN G . -2.80 12.66 -1.04
O3R NMN G . -2.70 13.75 -1.97
C2R NMN G . -4.19 12.65 -0.46
O2R NMN G . -4.67 13.99 -0.29
C1R NMN G . -5.01 11.94 -1.52
N1 NMN G . -6.09 11.11 -0.92
C2 NMN G . -7.44 11.45 -1.17
C3 NMN G . -8.47 10.73 -0.59
C7 NMN G . -9.93 11.09 -0.90
O7 NMN G . -10.19 11.95 -1.74
N7 NMN G . -10.86 10.39 -0.23
C4 NMN G . -8.16 9.65 0.26
C5 NMN G . -6.81 9.31 0.49
C6 NMN G . -5.79 10.06 -0.11
PG APC H . 5.79 8.18 1.71
O1G APC H . 4.32 8.00 1.84
O2G APC H . 6.66 7.00 1.93
O3G APC H . 6.23 9.34 2.74
PB APC H . 5.55 8.18 -1.11
O1B APC H . 6.27 8.81 -2.24
O2B APC H . 5.60 6.70 -0.99
O3B APC H . 6.13 8.83 0.27
PA APC H . 3.58 10.32 -1.89
O1A APC H . 2.27 10.85 -1.40
O2A APC H . 4.78 11.16 -1.73
C3A APC H . 3.82 8.72 -1.09
O5' APC H . 3.43 9.89 -3.45
C5' APC H . 2.74 10.73 -4.39
C4' APC H . 2.58 10.02 -5.76
O4' APC H . 3.90 9.52 -6.19
C3' APC H . 1.68 8.78 -5.64
O3' APC H . 0.90 8.62 -6.83
C2' APC H . 2.66 7.63 -5.51
O2' APC H . 2.08 6.43 -6.05
C1' APC H . 3.80 8.07 -6.40
N9 APC H . 5.08 7.35 -6.12
C8 APC H . 5.87 7.53 -5.05
N7 APC H . 6.96 6.77 -5.17
C5 APC H . 6.87 6.11 -6.31
C6 APC H . 7.71 5.17 -6.95
N6 APC H . 8.88 4.84 -6.41
N1 APC H . 7.34 4.65 -8.13
C2 APC H . 6.10 5.03 -8.74
N3 APC H . 5.31 5.92 -8.11
C4 APC H . 5.67 6.46 -6.92
#